data_5AQX
#
_entry.id   5AQX
#
_cell.length_a   51.845
_cell.length_b   82.021
_cell.length_c   94.421
_cell.angle_alpha   90.00
_cell.angle_beta   90.00
_cell.angle_gamma   90.00
#
_symmetry.space_group_name_H-M   'P 21 21 21'
#
loop_
_entity.id
_entity.type
_entity.pdbx_description
1 polymer 'HEAT SHOCK 70 KDA PROTEIN 1A'
2 non-polymer (1R,2S,3R,5R)-3-((5-(benzyloxy)quinazolin-4-yl)amino)-5-(hydroxymethyl)cyclopentane-1,2-diol
3 non-polymer 'DIMETHYL SULFOXIDE'
4 non-polymer 'CHLORIDE ION'
5 water water
#
_entity_poly.entity_id   1
_entity_poly.type   'polypeptide(L)'
_entity_poly.pdbx_seq_one_letter_code
;GPLGSMAKAAAIGIDLGTTYSCVGVFQHGKVEIIANDQGNRTTPSYVAFTDTERLIGDAAKNQVALNPQNTVFDAKRLIG
RKFGDPVVQSDMKHWPFQVINDGDKPKVQVSYKGETKAFYPEEISSMVLTKMKEIAEAYLGYPVTNAVITVPAYFNDSQR
QATKDAGVIAGLNVLRIINEPTAAAIAYGLDRTGKGERNVLIFDLGGGTFDVSILTIDDGIFEVKATAGDTHLGGEDFDN
RLVNHFVEEFKRKHKKDISQNKRAVRRLRTACERAKRTLSSSTQASLEIDSLFEGIDFYTSITRARFEELCSDLFRSTLE
PVEKALRDAKLDKAQIHDLVLVGGSTRIPKVQKLLQDFFNGRDLNKSINPDEAVAYGAAVQAAILIKSTRAAAS
;
_entity_poly.pdbx_strand_id   A
#
loop_
_chem_comp.id
_chem_comp.type
_chem_comp.name
_chem_comp.formula
CL non-polymer 'CHLORIDE ION' 'Cl -1'
DMS non-polymer 'DIMETHYL SULFOXIDE' 'C2 H6 O S'
KC7 non-polymer (1R,2S,3R,5R)-3-((5-(benzyloxy)quinazolin-4-yl)amino)-5-(hydroxymethyl)cyclopentane-1,2-diol 'C21 H23 N3 O4'
#
# COMPACT_ATOMS: atom_id res chain seq x y z
N LYS A 8 -31.04 5.91 -2.44
CA LYS A 8 -30.61 4.76 -3.23
C LYS A 8 -29.44 3.96 -2.59
N ALA A 9 -29.18 2.73 -3.11
CA ALA A 9 -28.13 1.81 -2.65
C ALA A 9 -26.76 2.07 -3.27
N ALA A 10 -25.89 2.78 -2.52
CA ALA A 10 -24.51 3.11 -2.90
C ALA A 10 -23.54 2.09 -2.27
N ALA A 11 -22.39 1.83 -2.93
CA ALA A 11 -21.36 0.89 -2.48
C ALA A 11 -19.94 1.43 -2.69
N ILE A 12 -19.04 1.19 -1.74
CA ILE A 12 -17.68 1.69 -1.85
C ILE A 12 -16.65 0.59 -2.13
N GLY A 13 -15.52 1.00 -2.69
CA GLY A 13 -14.43 0.09 -2.97
C GLY A 13 -13.30 0.53 -2.07
N ILE A 14 -12.77 -0.39 -1.28
CA ILE A 14 -11.69 -0.03 -0.38
C ILE A 14 -10.46 -0.89 -0.58
N ASP A 15 -9.32 -0.22 -0.77
CA ASP A 15 -8.07 -0.92 -0.90
C ASP A 15 -7.52 -0.82 0.50
N LEU A 16 -7.45 -1.95 1.18
CA LEU A 16 -6.97 -1.96 2.55
C LEU A 16 -5.48 -2.40 2.49
N GLY A 17 -4.61 -1.43 2.17
CA GLY A 17 -3.17 -1.64 1.97
C GLY A 17 -2.38 -1.82 3.24
N THR A 18 -1.15 -2.34 3.11
CA THR A 18 -0.23 -2.58 4.24
C THR A 18 0.14 -1.25 4.92
N THR A 19 0.57 -0.26 4.13
CA THR A 19 0.99 1.05 4.63
C THR A 19 -0.12 2.12 4.50
N TYR A 20 -0.86 2.11 3.37
CA TYR A 20 -1.92 3.08 3.05
C TYR A 20 -3.20 2.40 2.57
N SER A 21 -4.32 3.07 2.76
CA SER A 21 -5.61 2.61 2.26
C SER A 21 -6.20 3.71 1.39
N CYS A 22 -6.97 3.31 0.39
CA CYS A 22 -7.58 4.22 -0.55
C CYS A 22 -9.04 3.79 -0.68
N VAL A 23 -9.97 4.73 -0.92
CA VAL A 23 -11.41 4.48 -1.00
C VAL A 23 -11.99 5.22 -2.19
N GLY A 24 -12.71 4.46 -3.01
CA GLY A 24 -13.35 4.96 -4.21
C GLY A 24 -14.83 4.64 -4.28
N VAL A 25 -15.55 5.38 -5.11
CA VAL A 25 -16.97 5.16 -5.35
C VAL A 25 -17.27 5.41 -6.83
N PHE A 26 -17.96 4.45 -7.44
CA PHE A 26 -18.36 4.59 -8.83
C PHE A 26 -19.70 5.25 -8.79
N GLN A 27 -19.80 6.39 -9.46
CA GLN A 27 -21.01 7.22 -9.50
C GLN A 27 -21.05 7.97 -10.81
N HIS A 28 -22.24 8.08 -11.39
CA HIS A 28 -22.46 8.85 -12.60
C HIS A 28 -21.51 8.54 -13.74
N GLY A 29 -21.28 7.26 -13.97
CA GLY A 29 -20.41 6.76 -15.02
C GLY A 29 -18.93 7.06 -14.88
N LYS A 30 -18.49 7.40 -13.66
CA LYS A 30 -17.10 7.75 -13.40
C LYS A 30 -16.71 7.37 -11.99
N VAL A 31 -15.45 6.93 -11.80
CA VAL A 31 -14.94 6.57 -10.48
C VAL A 31 -14.44 7.84 -9.79
N GLU A 32 -14.71 7.93 -8.50
CA GLU A 32 -14.25 9.06 -7.73
C GLU A 32 -13.42 8.52 -6.56
N ILE A 33 -12.19 8.98 -6.45
CA ILE A 33 -11.33 8.54 -5.36
C ILE A 33 -11.51 9.65 -4.33
N ILE A 34 -12.02 9.26 -3.17
CA ILE A 34 -12.32 10.23 -2.12
C ILE A 34 -11.18 10.68 -1.22
N ALA A 35 -10.97 11.99 -1.19
CA ALA A 35 -9.97 12.60 -0.36
C ALA A 35 -10.41 12.59 1.10
N ASN A 36 -9.46 12.43 2.01
CA ASN A 36 -9.76 12.44 3.42
C ASN A 36 -9.98 13.89 3.84
N ASP A 37 -10.43 14.12 5.07
CA ASP A 37 -10.71 15.48 5.51
C ASP A 37 -9.47 16.34 5.36
N GLN A 38 -8.30 15.72 5.52
CA GLN A 38 -7.03 16.41 5.36
C GLN A 38 -6.73 16.68 3.88
N GLY A 39 -7.57 16.14 3.02
CA GLY A 39 -7.43 16.31 1.57
C GLY A 39 -6.62 15.27 0.82
N ASN A 40 -6.10 14.29 1.54
CA ASN A 40 -5.31 13.23 0.92
C ASN A 40 -6.16 12.12 0.29
N ARG A 41 -5.78 11.70 -0.91
CA ARG A 41 -6.48 10.67 -1.67
C ARG A 41 -6.23 9.23 -1.19
N THR A 42 -5.20 9.04 -0.33
CA THR A 42 -4.84 7.79 0.37
C THR A 42 -4.66 8.13 1.84
N THR A 43 -4.91 7.17 2.72
CA THR A 43 -4.86 7.34 4.18
C THR A 43 -3.90 6.31 4.81
N PRO A 44 -2.94 6.72 5.67
CA PRO A 44 -2.04 5.73 6.30
C PRO A 44 -2.80 4.70 7.12
N SER A 45 -2.44 3.40 6.97
CA SER A 45 -3.07 2.30 7.70
C SER A 45 -2.45 2.24 9.11
N TYR A 46 -2.49 3.40 9.81
CA TYR A 46 -1.94 3.64 11.16
C TYR A 46 -3.04 3.88 12.18
N VAL A 47 -2.84 3.29 13.36
CA VAL A 47 -3.74 3.41 14.51
C VAL A 47 -2.90 3.70 15.74
N ALA A 48 -3.01 4.92 16.23
CA ALA A 48 -2.30 5.36 17.42
C ALA A 48 -3.25 5.49 18.62
N PHE A 49 -2.80 4.96 19.75
CA PHE A 49 -3.52 4.98 21.00
C PHE A 49 -2.72 5.94 21.84
N THR A 50 -3.37 6.97 22.37
CA THR A 50 -2.65 7.95 23.17
C THR A 50 -3.20 8.01 24.58
N ASP A 51 -2.77 9.03 25.32
CA ASP A 51 -3.20 9.21 26.68
C ASP A 51 -4.65 9.71 26.73
N THR A 52 -5.16 10.32 25.62
CA THR A 52 -6.53 10.87 25.59
C THR A 52 -7.43 10.34 24.46
N GLU A 53 -6.85 9.86 23.35
CA GLU A 53 -7.65 9.44 22.18
C GLU A 53 -7.04 8.40 21.27
N ARG A 54 -7.89 7.85 20.37
CA ARG A 54 -7.56 6.91 19.32
C ARG A 54 -7.46 7.70 18.03
N LEU A 55 -6.25 7.73 17.46
CA LEU A 55 -5.93 8.45 16.24
C LEU A 55 -5.81 7.47 15.11
N ILE A 56 -6.44 7.78 13.97
CA ILE A 56 -6.43 6.93 12.78
C ILE A 56 -6.04 7.76 11.52
N GLY A 57 -5.22 7.16 10.66
CA GLY A 57 -4.81 7.78 9.41
C GLY A 57 -3.60 8.67 9.55
N ASP A 58 -3.70 9.91 9.05
CA ASP A 58 -2.59 10.86 9.08
C ASP A 58 -2.23 11.35 10.47
N ALA A 59 -3.22 11.73 11.26
CA ALA A 59 -2.97 12.17 12.62
C ALA A 59 -2.13 11.13 13.35
N ALA A 60 -2.49 9.86 13.20
CA ALA A 60 -1.75 8.78 13.85
C ALA A 60 -0.31 8.65 13.36
N LYS A 61 -0.12 8.74 12.04
CA LYS A 61 1.22 8.63 11.46
C LYS A 61 2.12 9.80 11.86
N ASN A 62 1.54 10.98 11.93
CA ASN A 62 2.28 12.19 12.27
C ASN A 62 2.93 12.16 13.65
N GLN A 63 2.25 11.55 14.62
CA GLN A 63 2.75 11.47 15.99
C GLN A 63 3.52 10.18 16.28
N VAL A 64 3.85 9.43 15.25
CA VAL A 64 4.55 8.16 15.42
C VAL A 64 5.92 8.27 16.08
N ALA A 65 6.70 9.28 15.73
CA ALA A 65 8.02 9.44 16.34
C ALA A 65 7.86 9.64 17.84
N LEU A 66 6.92 10.50 18.17
CA LEU A 66 6.59 10.84 19.54
C LEU A 66 6.02 9.66 20.34
N ASN A 67 5.20 8.84 19.69
CA ASN A 67 4.58 7.69 20.34
C ASN A 67 4.76 6.41 19.52
N PRO A 68 5.99 5.94 19.38
CA PRO A 68 6.25 4.72 18.61
C PRO A 68 5.64 3.43 19.15
N GLN A 69 5.66 3.25 20.47
CA GLN A 69 5.18 2.06 21.14
C GLN A 69 3.70 1.73 21.00
N ASN A 70 2.86 2.75 20.97
CA ASN A 70 1.42 2.60 20.92
C ASN A 70 0.79 3.06 19.58
N THR A 71 1.63 3.21 18.57
CA THR A 71 1.20 3.57 17.22
C THR A 71 1.40 2.27 16.41
N VAL A 72 0.27 1.72 15.96
CA VAL A 72 0.25 0.46 15.23
C VAL A 72 0.05 0.60 13.73
N PHE A 73 0.86 -0.16 13.00
CA PHE A 73 0.87 -0.21 11.56
C PHE A 73 1.23 -1.64 11.21
N ASP A 74 1.13 -2.01 9.95
CA ASP A 74 1.46 -3.37 9.51
C ASP A 74 0.58 -4.47 10.12
N ALA A 75 -0.68 -4.18 10.36
CA ALA A 75 -1.61 -5.20 10.91
C ALA A 75 -1.97 -6.24 9.84
N LYS A 76 -1.82 -5.84 8.55
CA LYS A 76 -2.02 -6.68 7.37
C LYS A 76 -0.98 -7.81 7.29
N ARG A 77 0.19 -7.59 7.88
CA ARG A 77 1.21 -8.61 7.97
C ARG A 77 0.74 -9.70 8.93
N LEU A 78 0.04 -9.29 9.97
CA LEU A 78 -0.49 -10.20 11.00
C LEU A 78 -1.93 -10.72 10.86
N ILE A 79 -2.74 -10.13 9.99
CA ILE A 79 -4.14 -10.54 9.87
C ILE A 79 -4.36 -12.00 9.44
N GLY A 80 -5.29 -12.67 10.12
CA GLY A 80 -5.58 -14.08 9.86
C GLY A 80 -4.46 -15.06 10.12
N ARG A 81 -3.28 -14.58 10.57
CA ARG A 81 -2.13 -15.43 10.83
C ARG A 81 -2.15 -16.02 12.24
N LYS A 82 -1.45 -17.15 12.41
CA LYS A 82 -1.28 -17.81 13.72
C LYS A 82 -0.13 -17.06 14.39
N PHE A 83 0.00 -17.16 15.72
CA PHE A 83 1.10 -16.49 16.42
C PHE A 83 2.42 -17.24 16.12
N GLY A 84 2.31 -18.55 15.89
CA GLY A 84 3.42 -19.42 15.58
C GLY A 84 3.96 -19.31 14.17
N ASP A 85 3.31 -18.49 13.35
CA ASP A 85 3.68 -18.30 11.97
C ASP A 85 5.11 -17.78 11.91
N PRO A 86 5.91 -18.33 11.00
CA PRO A 86 7.30 -17.87 10.88
C PRO A 86 7.34 -16.40 10.49
N VAL A 87 6.42 -15.97 9.63
CA VAL A 87 6.37 -14.58 9.20
C VAL A 87 6.08 -13.69 10.41
N VAL A 88 5.16 -14.14 11.26
CA VAL A 88 4.79 -13.43 12.48
C VAL A 88 6.00 -13.31 13.42
N GLN A 89 6.70 -14.42 13.64
CA GLN A 89 7.88 -14.44 14.52
C GLN A 89 8.98 -13.49 14.06
N SER A 90 9.30 -13.53 12.74
CA SER A 90 10.29 -12.67 12.11
C SER A 90 9.87 -11.18 12.16
N ASP A 91 8.66 -10.85 11.68
CA ASP A 91 8.14 -9.47 11.63
C ASP A 91 8.20 -8.71 12.98
N MET A 92 7.81 -9.39 14.10
CA MET A 92 7.78 -8.91 15.49
C MET A 92 9.06 -8.21 15.95
N LYS A 93 10.23 -8.78 15.63
CA LYS A 93 11.57 -8.27 15.99
C LYS A 93 11.86 -6.85 15.47
N HIS A 94 11.05 -6.40 14.51
CA HIS A 94 11.18 -5.08 13.87
C HIS A 94 10.09 -4.05 14.17
N TRP A 95 9.15 -4.40 15.03
CA TRP A 95 8.07 -3.48 15.40
C TRP A 95 8.31 -2.83 16.76
N PRO A 96 7.96 -1.52 16.93
CA PRO A 96 8.18 -0.86 18.24
C PRO A 96 7.04 -1.11 19.25
N PHE A 97 5.91 -1.70 18.77
CA PHE A 97 4.75 -2.03 19.59
C PHE A 97 4.81 -3.50 19.94
N GLN A 98 4.22 -3.87 21.09
CA GLN A 98 4.21 -5.26 21.56
C GLN A 98 3.13 -6.08 20.85
N VAL A 99 3.46 -7.34 20.55
CA VAL A 99 2.61 -8.35 19.96
C VAL A 99 2.60 -9.51 20.97
N ILE A 100 1.41 -9.89 21.43
CA ILE A 100 1.28 -10.96 22.41
C ILE A 100 0.59 -12.16 21.83
N ASN A 101 0.76 -13.31 22.47
CA ASN A 101 0.14 -14.54 22.00
C ASN A 101 -1.11 -14.92 22.78
N ASP A 102 -2.25 -14.95 22.08
CA ASP A 102 -3.49 -15.35 22.71
C ASP A 102 -4.14 -16.50 21.92
N GLY A 103 -4.19 -17.68 22.53
CA GLY A 103 -4.79 -18.83 21.89
C GLY A 103 -4.11 -19.05 20.56
N ASP A 104 -2.84 -18.73 20.49
CA ASP A 104 -2.06 -18.87 19.27
C ASP A 104 -2.54 -17.84 18.26
N LYS A 105 -3.25 -16.83 18.74
CA LYS A 105 -3.74 -15.78 17.88
C LYS A 105 -3.00 -14.52 18.28
N PRO A 106 -2.30 -13.90 17.33
CA PRO A 106 -1.54 -12.70 17.66
C PRO A 106 -2.44 -11.52 18.04
N LYS A 107 -2.03 -10.78 19.05
CA LYS A 107 -2.74 -9.59 19.50
C LYS A 107 -1.72 -8.50 19.67
N VAL A 108 -2.14 -7.26 19.46
CA VAL A 108 -1.25 -6.10 19.61
C VAL A 108 -1.61 -5.45 20.95
N GLN A 109 -0.67 -5.47 21.89
CA GLN A 109 -0.80 -4.91 23.23
C GLN A 109 -0.20 -3.49 23.23
N VAL A 110 -1.01 -2.49 23.63
CA VAL A 110 -0.62 -1.08 23.68
C VAL A 110 -1.00 -0.45 25.01
N SER A 111 -0.64 0.84 25.18
CA SER A 111 -1.05 1.67 26.30
C SER A 111 -2.10 2.66 25.73
N TYR A 112 -3.31 2.61 26.29
CA TYR A 112 -4.43 3.47 25.89
C TYR A 112 -5.08 4.08 27.12
N LYS A 113 -5.12 5.44 27.17
CA LYS A 113 -5.68 6.22 28.30
C LYS A 113 -5.13 5.70 29.64
N GLY A 114 -3.82 5.46 29.67
CA GLY A 114 -3.11 4.94 30.84
C GLY A 114 -3.47 3.53 31.25
N GLU A 115 -3.92 2.68 30.28
CA GLU A 115 -4.28 1.29 30.55
C GLU A 115 -3.74 0.35 29.49
N THR A 116 -3.36 -0.87 29.91
CA THR A 116 -2.85 -1.88 28.98
C THR A 116 -4.03 -2.56 28.31
N LYS A 117 -4.16 -2.37 26.98
CA LYS A 117 -5.23 -2.96 26.18
C LYS A 117 -4.63 -3.68 24.98
N ALA A 118 -5.16 -4.89 24.68
CA ALA A 118 -4.72 -5.69 23.54
C ALA A 118 -5.84 -5.80 22.46
N PHE A 119 -5.44 -5.81 21.17
CA PHE A 119 -6.34 -5.86 20.01
C PHE A 119 -5.92 -6.91 18.99
N TYR A 120 -6.88 -7.56 18.33
CA TYR A 120 -6.60 -8.54 17.28
C TYR A 120 -6.28 -7.74 16.00
N PRO A 121 -5.47 -8.26 15.05
CA PRO A 121 -5.18 -7.51 13.81
C PRO A 121 -6.43 -6.98 13.08
N GLU A 122 -7.54 -7.77 13.03
CA GLU A 122 -8.83 -7.40 12.42
C GLU A 122 -9.50 -6.25 13.17
N GLU A 123 -9.21 -6.14 14.46
CA GLU A 123 -9.72 -5.03 15.26
C GLU A 123 -9.02 -3.74 14.82
N ILE A 124 -7.71 -3.83 14.62
CA ILE A 124 -6.92 -2.69 14.19
C ILE A 124 -7.32 -2.27 12.77
N SER A 125 -7.47 -3.27 11.91
CA SER A 125 -7.89 -3.05 10.52
C SER A 125 -9.30 -2.49 10.48
N SER A 126 -10.15 -3.00 11.37
CA SER A 126 -11.52 -2.53 11.46
C SER A 126 -11.52 -1.02 11.72
N MET A 127 -10.53 -0.52 12.51
CA MET A 127 -10.39 0.91 12.81
C MET A 127 -9.97 1.72 11.57
N VAL A 128 -9.04 1.19 10.74
CA VAL A 128 -8.63 1.80 9.47
C VAL A 128 -9.83 1.77 8.47
N LEU A 129 -10.65 0.70 8.52
CA LEU A 129 -11.84 0.60 7.66
C LEU A 129 -12.93 1.55 8.10
N THR A 130 -12.99 1.87 9.40
CA THR A 130 -13.99 2.81 9.93
C THR A 130 -13.64 4.19 9.40
N LYS A 131 -12.33 4.53 9.41
CA LYS A 131 -11.83 5.80 8.88
C LYS A 131 -12.23 5.91 7.39
N MET A 132 -12.05 4.83 6.60
CA MET A 132 -12.45 4.76 5.19
C MET A 132 -13.97 4.89 5.01
N LYS A 133 -14.76 4.17 5.86
CA LYS A 133 -16.23 4.18 5.86
C LYS A 133 -16.70 5.60 6.11
N GLU A 134 -16.06 6.31 7.08
CA GLU A 134 -16.35 7.71 7.49
C GLU A 134 -15.98 8.72 6.42
N ILE A 135 -14.76 8.61 5.84
CA ILE A 135 -14.23 9.45 4.76
C ILE A 135 -15.25 9.46 3.61
N ALA A 136 -15.74 8.26 3.21
CA ALA A 136 -16.70 8.06 2.12
C ALA A 136 -18.08 8.66 2.42
N GLU A 137 -18.53 8.54 3.70
CA GLU A 137 -19.78 9.08 4.20
C GLU A 137 -19.73 10.62 4.28
N ALA A 138 -18.52 11.19 4.53
CA ALA A 138 -18.33 12.64 4.61
C ALA A 138 -18.49 13.24 3.20
N TYR A 139 -17.94 12.55 2.19
CA TYR A 139 -18.01 12.92 0.78
C TYR A 139 -19.46 12.86 0.23
N LEU A 140 -20.13 11.70 0.41
CA LEU A 140 -21.47 11.40 -0.10
C LEU A 140 -22.60 12.12 0.62
N GLY A 141 -22.47 12.26 1.93
CA GLY A 141 -23.46 12.96 2.75
C GLY A 141 -24.51 12.06 3.37
N TYR A 142 -24.32 10.75 3.27
CA TYR A 142 -25.23 9.75 3.83
C TYR A 142 -24.43 8.51 4.26
N PRO A 143 -24.91 7.66 5.20
CA PRO A 143 -24.12 6.50 5.60
C PRO A 143 -23.92 5.46 4.47
N VAL A 144 -22.72 4.87 4.39
CA VAL A 144 -22.38 3.88 3.37
C VAL A 144 -21.88 2.63 4.05
N THR A 145 -22.53 1.48 3.83
CA THR A 145 -22.11 0.21 4.44
C THR A 145 -21.72 -0.85 3.41
N ASN A 146 -22.34 -0.87 2.26
CA ASN A 146 -21.94 -1.85 1.25
C ASN A 146 -20.56 -1.50 0.71
N ALA A 147 -19.65 -2.48 0.74
CA ALA A 147 -18.26 -2.32 0.33
C ALA A 147 -17.64 -3.57 -0.25
N VAL A 148 -16.73 -3.37 -1.22
CA VAL A 148 -15.88 -4.44 -1.72
C VAL A 148 -14.52 -4.18 -1.07
N ILE A 149 -13.96 -5.15 -0.38
CA ILE A 149 -12.62 -4.97 0.20
C ILE A 149 -11.64 -5.85 -0.56
N THR A 150 -10.49 -5.31 -0.96
CA THR A 150 -9.45 -6.06 -1.68
C THR A 150 -8.39 -6.62 -0.73
N VAL A 151 -7.73 -7.70 -1.14
CA VAL A 151 -6.64 -8.37 -0.40
C VAL A 151 -5.60 -8.86 -1.43
N PRO A 152 -4.38 -9.16 -1.01
CA PRO A 152 -3.38 -9.67 -1.95
C PRO A 152 -3.82 -11.03 -2.49
N ALA A 153 -3.41 -11.36 -3.71
CA ALA A 153 -3.77 -12.61 -4.35
C ALA A 153 -3.31 -13.85 -3.59
N TYR A 154 -2.14 -13.77 -2.98
CA TYR A 154 -1.58 -14.87 -2.21
C TYR A 154 -2.29 -15.14 -0.89
N PHE A 155 -3.18 -14.24 -0.48
CA PHE A 155 -3.88 -14.39 0.79
C PHE A 155 -4.68 -15.69 0.85
N ASN A 156 -4.56 -16.38 1.99
CA ASN A 156 -5.26 -17.64 2.23
C ASN A 156 -6.68 -17.40 2.74
N ASP A 157 -7.46 -18.47 2.88
CA ASP A 157 -8.84 -18.36 3.33
C ASP A 157 -8.92 -17.74 4.72
N SER A 158 -8.00 -18.13 5.61
CA SER A 158 -8.01 -17.59 6.95
C SER A 158 -7.79 -16.08 6.91
N GLN A 159 -6.88 -15.65 6.05
CA GLN A 159 -6.59 -14.25 5.88
C GLN A 159 -7.78 -13.48 5.31
N ARG A 160 -8.47 -14.08 4.33
CA ARG A 160 -9.62 -13.44 3.72
C ARG A 160 -10.79 -13.24 4.70
N GLN A 161 -11.05 -14.24 5.51
CA GLN A 161 -12.11 -14.19 6.52
C GLN A 161 -11.84 -13.11 7.56
N ALA A 162 -10.57 -12.98 8.01
CA ALA A 162 -10.15 -11.97 8.99
C ALA A 162 -10.34 -10.55 8.45
N THR A 163 -10.06 -10.33 7.15
CA THR A 163 -10.28 -9.05 6.46
C THR A 163 -11.78 -8.72 6.42
N LYS A 164 -12.64 -9.74 6.12
CA LYS A 164 -14.11 -9.64 6.11
C LYS A 164 -14.59 -9.32 7.53
N ASP A 165 -14.04 -10.05 8.53
CA ASP A 165 -14.33 -9.83 9.94
C ASP A 165 -14.06 -8.38 10.30
N ALA A 166 -12.95 -7.79 9.78
CA ALA A 166 -12.61 -6.40 10.04
C ALA A 166 -13.67 -5.46 9.45
N GLY A 167 -14.13 -5.77 8.24
CA GLY A 167 -15.19 -5.00 7.58
C GLY A 167 -16.49 -5.02 8.34
N VAL A 168 -16.88 -6.20 8.87
CA VAL A 168 -18.11 -6.39 9.64
C VAL A 168 -18.00 -5.57 10.93
N ILE A 169 -16.88 -5.71 11.69
CA ILE A 169 -16.62 -4.93 12.93
C ILE A 169 -16.74 -3.42 12.65
N ALA A 170 -16.18 -2.95 11.51
CA ALA A 170 -16.23 -1.56 11.03
C ALA A 170 -17.63 -1.11 10.61
N GLY A 171 -18.61 -2.03 10.56
CA GLY A 171 -19.98 -1.73 10.19
C GLY A 171 -20.28 -1.76 8.70
N LEU A 172 -19.43 -2.45 7.94
CA LEU A 172 -19.61 -2.56 6.50
C LEU A 172 -20.14 -3.92 6.13
N ASN A 173 -21.07 -3.94 5.16
CA ASN A 173 -21.56 -5.18 4.58
C ASN A 173 -20.56 -5.48 3.44
N VAL A 174 -19.72 -6.51 3.62
CA VAL A 174 -18.69 -6.90 2.66
C VAL A 174 -19.28 -7.66 1.47
N LEU A 175 -19.48 -6.96 0.33
CA LEU A 175 -20.08 -7.55 -0.88
C LEU A 175 -19.23 -8.66 -1.44
N ARG A 176 -17.93 -8.43 -1.53
CA ARG A 176 -17.02 -9.45 -1.99
C ARG A 176 -15.60 -9.11 -1.55
N ILE A 177 -14.76 -10.12 -1.39
CA ILE A 177 -13.38 -9.89 -1.06
C ILE A 177 -12.75 -10.26 -2.38
N ILE A 178 -12.08 -9.30 -3.01
CA ILE A 178 -11.47 -9.56 -4.30
C ILE A 178 -9.99 -9.27 -4.26
N ASN A 179 -9.25 -9.97 -5.11
CA ASN A 179 -7.81 -9.79 -5.17
C ASN A 179 -7.40 -8.42 -5.65
N GLU A 180 -6.33 -7.87 -5.02
CA GLU A 180 -5.70 -6.60 -5.40
C GLU A 180 -5.36 -6.58 -6.90
N PRO A 181 -4.61 -7.56 -7.48
CA PRO A 181 -4.34 -7.52 -8.94
C PRO A 181 -5.59 -7.61 -9.83
N THR A 182 -6.60 -8.40 -9.41
CA THR A 182 -7.86 -8.51 -10.15
C THR A 182 -8.49 -7.12 -10.26
N ALA A 183 -8.58 -6.38 -9.12
CA ALA A 183 -9.15 -5.02 -9.05
C ALA A 183 -8.41 -4.06 -9.98
N ALA A 184 -7.08 -4.19 -10.08
CA ALA A 184 -6.26 -3.37 -10.96
C ALA A 184 -6.62 -3.62 -12.44
N ALA A 185 -6.83 -4.87 -12.80
CA ALA A 185 -7.22 -5.25 -14.16
C ALA A 185 -8.60 -4.69 -14.48
N ILE A 186 -9.47 -4.76 -13.48
CA ILE A 186 -10.83 -4.27 -13.59
C ILE A 186 -10.83 -2.75 -13.81
N ALA A 187 -9.90 -2.08 -13.14
CA ALA A 187 -9.78 -0.63 -13.26
C ALA A 187 -9.46 -0.25 -14.70
N TYR A 188 -8.59 -1.02 -15.33
CA TYR A 188 -8.25 -0.81 -16.73
C TYR A 188 -9.18 -1.53 -17.71
N GLY A 189 -10.30 -2.06 -17.20
CA GLY A 189 -11.29 -2.77 -17.99
C GLY A 189 -10.71 -3.87 -18.87
N LEU A 190 -9.72 -4.62 -18.32
CA LEU A 190 -9.03 -5.69 -19.02
C LEU A 190 -9.86 -6.98 -19.09
N ASP A 191 -10.98 -6.99 -18.36
CA ASP A 191 -11.94 -8.09 -18.31
C ASP A 191 -13.12 -7.82 -19.26
N ARG A 192 -12.95 -6.84 -20.18
CA ARG A 192 -13.97 -6.40 -21.13
C ARG A 192 -13.43 -6.35 -22.57
N THR A 193 -12.24 -6.96 -22.82
CA THR A 193 -11.62 -6.98 -24.16
C THR A 193 -12.23 -8.09 -25.05
N GLY A 194 -13.32 -8.68 -24.60
CA GLY A 194 -14.05 -9.73 -25.31
C GLY A 194 -13.52 -11.13 -25.14
N LYS A 195 -13.92 -12.02 -26.10
CA LYS A 195 -13.56 -13.43 -26.18
C LYS A 195 -12.06 -13.67 -26.31
N GLY A 196 -11.65 -14.86 -25.88
CA GLY A 196 -10.27 -15.32 -25.89
C GLY A 196 -9.62 -15.15 -24.53
N GLU A 197 -8.35 -15.51 -24.44
CA GLU A 197 -7.54 -15.39 -23.24
C GLU A 197 -6.74 -14.09 -23.32
N ARG A 198 -6.68 -13.38 -22.20
CA ARG A 198 -5.94 -12.14 -22.08
C ARG A 198 -4.99 -12.30 -20.91
N ASN A 199 -3.68 -12.27 -21.17
CA ASN A 199 -2.67 -12.42 -20.13
C ASN A 199 -2.24 -11.06 -19.61
N VAL A 200 -2.43 -10.84 -18.32
CA VAL A 200 -2.12 -9.59 -17.65
C VAL A 200 -1.05 -9.83 -16.60
N LEU A 201 -0.14 -8.88 -16.48
CA LEU A 201 0.90 -8.95 -15.47
C LEU A 201 0.76 -7.69 -14.62
N ILE A 202 0.66 -7.87 -13.31
CA ILE A 202 0.52 -6.71 -12.45
C ILE A 202 1.83 -6.48 -11.72
N PHE A 203 2.35 -5.27 -11.87
CA PHE A 203 3.60 -4.89 -11.22
C PHE A 203 3.23 -3.94 -10.07
N ASP A 204 3.09 -4.50 -8.88
CA ASP A 204 2.71 -3.72 -7.70
C ASP A 204 3.88 -3.49 -6.76
N LEU A 205 4.33 -2.25 -6.67
CA LEU A 205 5.44 -1.87 -5.81
C LEU A 205 4.96 -0.84 -4.80
N GLY A 206 4.79 -1.27 -3.56
CA GLY A 206 4.30 -0.40 -2.50
C GLY A 206 5.41 0.23 -1.70
N GLY A 207 5.07 0.75 -0.54
CA GLY A 207 6.07 1.35 0.34
C GLY A 207 6.88 0.33 1.12
N GLY A 208 6.32 -0.86 1.34
CA GLY A 208 7.00 -1.91 2.09
C GLY A 208 6.88 -3.32 1.54
N THR A 209 6.11 -3.51 0.45
CA THR A 209 5.93 -4.80 -0.19
C THR A 209 6.01 -4.68 -1.69
N PHE A 210 6.38 -5.76 -2.36
CA PHE A 210 6.46 -5.82 -3.79
C PHE A 210 5.72 -7.07 -4.24
N ASP A 211 4.79 -6.91 -5.17
CA ASP A 211 4.00 -8.03 -5.64
C ASP A 211 3.84 -8.08 -7.15
N VAL A 212 4.15 -9.24 -7.72
CA VAL A 212 4.01 -9.47 -9.15
C VAL A 212 2.93 -10.53 -9.31
N SER A 213 1.90 -10.22 -10.10
CA SER A 213 0.82 -11.16 -10.32
C SER A 213 0.53 -11.33 -11.79
N ILE A 214 0.44 -12.56 -12.23
CA ILE A 214 0.08 -12.81 -13.61
C ILE A 214 -1.33 -13.39 -13.57
N LEU A 215 -2.23 -12.84 -14.40
CA LEU A 215 -3.61 -13.32 -14.50
C LEU A 215 -3.95 -13.62 -15.94
N THR A 216 -4.83 -14.61 -16.13
CA THR A 216 -5.39 -14.95 -17.43
C THR A 216 -6.89 -14.65 -17.34
N ILE A 217 -7.35 -13.68 -18.13
CA ILE A 217 -8.75 -13.30 -18.21
C ILE A 217 -9.33 -13.92 -19.47
N ASP A 218 -10.13 -14.97 -19.29
CA ASP A 218 -10.78 -15.69 -20.37
C ASP A 218 -12.27 -15.46 -20.29
N ASP A 219 -12.82 -14.77 -21.30
CA ASP A 219 -14.24 -14.40 -21.41
C ASP A 219 -14.73 -13.64 -20.15
N GLY A 220 -13.93 -12.67 -19.71
CA GLY A 220 -14.21 -11.82 -18.56
C GLY A 220 -13.99 -12.47 -17.20
N ILE A 221 -13.58 -13.75 -17.22
CA ILE A 221 -13.32 -14.52 -16.00
C ILE A 221 -11.83 -14.50 -15.63
N PHE A 222 -11.55 -14.24 -14.37
CA PHE A 222 -10.17 -14.13 -13.86
C PHE A 222 -9.56 -15.36 -13.23
N GLU A 223 -8.35 -15.71 -13.68
CA GLU A 223 -7.61 -16.83 -13.11
C GLU A 223 -6.20 -16.37 -12.72
N VAL A 224 -5.81 -16.63 -11.47
CA VAL A 224 -4.50 -16.28 -10.95
C VAL A 224 -3.54 -17.37 -11.39
N LYS A 225 -2.72 -17.10 -12.41
CA LYS A 225 -1.75 -18.07 -12.94
C LYS A 225 -0.47 -18.16 -12.10
N ALA A 226 0.09 -17.01 -11.68
CA ALA A 226 1.31 -16.96 -10.85
C ALA A 226 1.35 -15.76 -9.95
N THR A 227 2.02 -15.91 -8.81
CA THR A 227 2.27 -14.82 -7.85
C THR A 227 3.71 -14.91 -7.42
N ALA A 228 4.43 -13.79 -7.48
CA ALA A 228 5.84 -13.71 -7.06
C ALA A 228 6.09 -12.33 -6.38
N GLY A 229 7.29 -12.10 -5.85
CA GLY A 229 7.64 -10.82 -5.23
C GLY A 229 8.51 -10.87 -3.98
N ASP A 230 8.64 -9.71 -3.32
CA ASP A 230 9.37 -9.58 -2.06
C ASP A 230 8.42 -8.93 -1.04
N THR A 231 8.20 -9.60 0.07
CA THR A 231 7.32 -9.08 1.11
C THR A 231 7.94 -7.91 1.89
N HIS A 232 9.26 -7.78 1.77
CA HIS A 232 9.97 -6.72 2.48
C HIS A 232 10.71 -5.70 1.61
N LEU A 233 10.23 -5.53 0.38
CA LEU A 233 10.82 -4.58 -0.55
C LEU A 233 9.80 -3.55 -1.03
N GLY A 234 10.16 -2.27 -0.98
CA GLY A 234 9.27 -1.22 -1.42
C GLY A 234 9.90 0.16 -1.34
N GLY A 235 9.04 1.17 -1.44
CA GLY A 235 9.39 2.59 -1.39
C GLY A 235 10.28 3.01 -0.24
N GLU A 236 9.99 2.52 0.98
CA GLU A 236 10.77 2.83 2.19
C GLU A 236 12.25 2.42 2.11
N ASP A 237 12.61 1.47 1.22
CA ASP A 237 14.00 1.03 1.08
C ASP A 237 14.78 2.05 0.28
N PHE A 238 14.11 2.64 -0.69
CA PHE A 238 14.68 3.71 -1.50
C PHE A 238 14.93 4.90 -0.60
N ASP A 239 14.01 5.12 0.35
CA ASP A 239 14.11 6.22 1.29
C ASP A 239 15.34 6.06 2.16
N ASN A 240 15.57 4.84 2.63
CA ASN A 240 16.70 4.52 3.48
C ASN A 240 18.03 4.76 2.76
N ARG A 241 18.04 4.43 1.47
CA ARG A 241 19.21 4.61 0.61
C ARG A 241 19.56 6.08 0.54
N LEU A 242 18.52 6.95 0.44
CA LEU A 242 18.72 8.39 0.42
C LEU A 242 19.21 8.89 1.78
N VAL A 243 18.64 8.37 2.88
CA VAL A 243 19.01 8.74 4.26
C VAL A 243 20.50 8.50 4.50
N ASN A 244 21.00 7.28 4.15
CA ASN A 244 22.42 6.91 4.31
C ASN A 244 23.32 7.77 3.45
N HIS A 245 22.87 8.12 2.23
CA HIS A 245 23.64 9.03 1.35
C HIS A 245 23.81 10.41 2.06
N PHE A 246 22.73 10.93 2.63
CA PHE A 246 22.70 12.24 3.27
C PHE A 246 23.37 12.28 4.67
N VAL A 247 23.35 11.16 5.37
CA VAL A 247 24.03 11.07 6.65
C VAL A 247 25.51 11.22 6.33
N GLU A 248 25.92 10.56 5.25
CA GLU A 248 27.29 10.59 4.78
C GLU A 248 27.70 11.98 4.30
N GLU A 249 26.80 12.64 3.60
CA GLU A 249 27.04 13.97 3.07
C GLU A 249 27.22 14.97 4.21
N PHE A 250 26.43 14.80 5.27
CA PHE A 250 26.51 15.66 6.42
C PHE A 250 27.89 15.52 7.07
N LYS A 251 28.39 14.29 7.15
CA LYS A 251 29.70 14.05 7.73
C LYS A 251 30.77 14.71 6.88
N ARG A 252 30.64 14.60 5.57
CA ARG A 252 31.57 15.19 4.64
C ARG A 252 31.57 16.71 4.73
N LYS A 253 30.38 17.29 4.77
CA LYS A 253 30.23 18.74 4.89
C LYS A 253 30.56 19.35 6.26
N HIS A 254 30.09 18.72 7.34
CA HIS A 254 30.30 19.26 8.68
C HIS A 254 31.11 18.46 9.70
N LYS A 255 31.56 17.27 9.35
CA LYS A 255 32.33 16.45 10.28
C LYS A 255 31.58 16.12 11.58
N LYS A 256 30.27 15.88 11.44
CA LYS A 256 29.38 15.51 12.55
C LYS A 256 28.50 14.34 12.12
N ASP A 257 28.43 13.29 12.97
CA ASP A 257 27.64 12.09 12.74
C ASP A 257 26.23 12.25 13.37
N ILE A 258 25.21 12.45 12.53
CA ILE A 258 23.84 12.64 12.97
C ILE A 258 23.03 11.37 13.16
N SER A 259 23.61 10.22 12.85
CA SER A 259 22.90 8.95 12.90
C SER A 259 22.29 8.55 14.23
N GLN A 260 22.99 8.82 15.33
CA GLN A 260 22.50 8.48 16.66
C GLN A 260 21.36 9.35 17.18
N ASN A 261 21.10 10.48 16.52
CA ASN A 261 20.07 11.41 16.94
C ASN A 261 18.75 10.96 16.29
N LYS A 262 17.87 10.31 17.07
CA LYS A 262 16.60 9.75 16.56
C LYS A 262 15.73 10.77 15.79
N ARG A 263 15.63 12.00 16.30
CA ARG A 263 14.83 13.08 15.71
C ARG A 263 15.43 13.56 14.39
N ALA A 264 16.76 13.79 14.35
CA ALA A 264 17.45 14.25 13.15
C ALA A 264 17.33 13.24 12.01
N VAL A 265 17.43 11.93 12.31
CA VAL A 265 17.34 10.91 11.25
C VAL A 265 15.88 10.79 10.75
N ARG A 266 14.89 10.91 11.67
CA ARG A 266 13.47 10.85 11.34
C ARG A 266 13.08 12.06 10.46
N ARG A 267 13.58 13.25 10.79
CA ARG A 267 13.29 14.46 10.01
C ARG A 267 13.94 14.35 8.62
N LEU A 268 15.15 13.78 8.56
CA LEU A 268 15.86 13.55 7.32
C LEU A 268 15.14 12.49 6.48
N ARG A 269 14.58 11.43 7.11
CA ARG A 269 13.86 10.36 6.41
C ARG A 269 12.64 10.91 5.71
N THR A 270 11.88 11.72 6.43
CA THR A 270 10.69 12.46 6.00
C THR A 270 11.06 13.27 4.76
N ALA A 271 12.15 14.06 4.83
CA ALA A 271 12.66 14.86 3.73
C ALA A 271 13.10 14.01 2.52
N CYS A 272 13.68 12.82 2.77
CA CYS A 272 14.13 11.94 1.68
C CYS A 272 13.00 11.31 0.94
N GLU A 273 11.92 10.98 1.65
CA GLU A 273 10.73 10.44 1.06
C GLU A 273 10.06 11.51 0.14
N ARG A 274 10.10 12.80 0.53
CA ARG A 274 9.54 13.89 -0.29
C ARG A 274 10.44 14.20 -1.49
N ALA A 275 11.77 14.27 -1.27
CA ALA A 275 12.76 14.51 -2.34
C ALA A 275 12.60 13.44 -3.42
N LYS A 276 12.46 12.14 -3.02
CA LYS A 276 12.27 10.96 -3.87
C LYS A 276 11.06 11.15 -4.79
N ARG A 277 9.90 11.50 -4.19
CA ARG A 277 8.68 11.77 -4.94
C ARG A 277 8.90 12.82 -6.04
N THR A 278 9.50 13.98 -5.67
CA THR A 278 9.84 15.07 -6.59
C THR A 278 10.66 14.51 -7.77
N LEU A 279 11.60 13.59 -7.49
CA LEU A 279 12.48 12.96 -8.47
C LEU A 279 11.79 12.12 -9.51
N SER A 280 10.58 11.63 -9.21
CA SER A 280 9.80 10.85 -10.18
C SER A 280 9.30 11.72 -11.34
N SER A 281 9.19 13.02 -11.08
CA SER A 281 8.73 13.97 -12.07
C SER A 281 9.80 14.97 -12.51
N SER A 282 10.87 15.10 -11.74
CA SER A 282 11.93 16.03 -12.11
C SER A 282 13.34 15.50 -11.85
N THR A 283 14.29 16.01 -12.61
CA THR A 283 15.69 15.62 -12.51
C THR A 283 16.36 15.95 -11.17
N GLN A 284 15.99 17.08 -10.57
CA GLN A 284 16.61 17.49 -9.31
C GLN A 284 15.57 17.64 -8.18
N ALA A 285 16.03 17.46 -6.94
CA ALA A 285 15.23 17.59 -5.71
C ALA A 285 16.11 18.19 -4.62
N SER A 286 15.58 19.18 -3.90
CA SER A 286 16.34 19.86 -2.87
C SER A 286 15.79 19.65 -1.48
N LEU A 287 16.68 19.30 -0.55
CA LEU A 287 16.33 19.14 0.85
C LEU A 287 16.39 20.51 1.50
N GLU A 288 15.42 20.79 2.37
CA GLU A 288 15.30 22.08 3.05
C GLU A 288 15.00 21.86 4.54
N ILE A 289 15.99 21.34 5.26
CA ILE A 289 15.80 21.07 6.66
C ILE A 289 16.42 22.11 7.57
N ASP A 290 15.57 22.79 8.32
CA ASP A 290 15.99 23.80 9.29
C ASP A 290 16.55 23.10 10.52
N SER A 291 17.69 23.60 11.04
CA SER A 291 18.38 23.12 12.25
C SER A 291 18.32 21.59 12.37
N LEU A 292 18.86 20.87 11.36
CA LEU A 292 18.84 19.39 11.36
C LEU A 292 19.52 18.80 12.61
N PHE A 293 20.80 19.16 12.82
CA PHE A 293 21.61 18.67 13.91
C PHE A 293 22.55 19.74 14.43
N GLU A 294 22.47 20.00 15.75
CA GLU A 294 23.29 20.97 16.47
C GLU A 294 23.16 22.40 15.87
N GLY A 295 21.94 22.74 15.48
CA GLY A 295 21.58 24.05 14.91
C GLY A 295 22.02 24.29 13.48
N ILE A 296 22.56 23.23 12.83
CA ILE A 296 23.06 23.29 11.47
C ILE A 296 21.94 22.95 10.51
N ASP A 297 21.57 23.92 9.66
CA ASP A 297 20.56 23.71 8.61
C ASP A 297 21.15 22.78 7.56
N PHE A 298 20.29 21.96 6.95
CA PHE A 298 20.70 21.04 5.89
C PHE A 298 19.92 21.33 4.62
N TYR A 299 20.44 22.27 3.85
CA TYR A 299 19.92 22.70 2.57
C TYR A 299 20.89 22.14 1.54
N THR A 300 20.42 21.12 0.81
CA THR A 300 21.21 20.41 -0.19
C THR A 300 20.35 19.97 -1.39
N SER A 301 20.97 19.32 -2.36
CA SER A 301 20.24 18.84 -3.51
C SER A 301 20.73 17.49 -3.99
N ILE A 302 19.87 16.76 -4.68
CA ILE A 302 20.20 15.47 -5.24
C ILE A 302 19.58 15.37 -6.64
N THR A 303 20.19 14.58 -7.51
CA THR A 303 19.72 14.42 -8.88
C THR A 303 19.08 13.06 -9.10
N ARG A 304 18.24 12.96 -10.12
CA ARG A 304 17.57 11.69 -10.43
C ARG A 304 18.65 10.61 -10.60
N ALA A 305 19.67 10.90 -11.43
CA ALA A 305 20.82 10.07 -11.72
C ALA A 305 21.48 9.55 -10.43
N ARG A 306 21.79 10.45 -9.45
CA ARG A 306 22.41 10.03 -8.19
C ARG A 306 21.45 9.13 -7.41
N PHE A 307 20.14 9.46 -7.37
CA PHE A 307 19.13 8.64 -6.68
C PHE A 307 19.06 7.25 -7.28
N GLU A 308 18.97 7.17 -8.63
CA GLU A 308 18.97 5.94 -9.42
C GLU A 308 20.22 5.15 -9.13
N GLU A 309 21.35 5.81 -8.86
CA GLU A 309 22.61 5.16 -8.53
C GLU A 309 22.54 4.57 -7.11
N LEU A 310 22.00 5.35 -6.13
CA LEU A 310 21.88 4.92 -4.73
C LEU A 310 20.95 3.73 -4.60
N CYS A 311 20.02 3.56 -5.57
CA CYS A 311 19.02 2.47 -5.59
C CYS A 311 19.18 1.45 -6.72
N SER A 312 20.18 1.62 -7.61
CA SER A 312 20.38 0.80 -8.82
C SER A 312 20.15 -0.72 -8.67
N ASP A 313 20.75 -1.33 -7.65
CA ASP A 313 20.60 -2.75 -7.36
C ASP A 313 19.16 -3.13 -6.97
N LEU A 314 18.53 -2.27 -6.17
CA LEU A 314 17.17 -2.51 -5.71
C LEU A 314 16.16 -2.50 -6.86
N PHE A 315 16.32 -1.57 -7.79
CA PHE A 315 15.46 -1.46 -8.94
C PHE A 315 15.61 -2.70 -9.82
N ARG A 316 16.85 -3.18 -9.91
CA ARG A 316 17.18 -4.37 -10.69
C ARG A 316 16.51 -5.62 -10.15
N SER A 317 16.41 -5.71 -8.83
CA SER A 317 15.83 -6.85 -8.15
C SER A 317 14.37 -7.11 -8.49
N THR A 318 13.64 -6.07 -8.86
CA THR A 318 12.21 -6.20 -9.19
C THR A 318 11.98 -7.16 -10.34
N LEU A 319 12.87 -7.16 -11.30
CA LEU A 319 12.79 -8.03 -12.47
C LEU A 319 12.84 -9.54 -12.16
N GLU A 320 13.61 -9.93 -11.15
CA GLU A 320 13.72 -11.34 -10.83
C GLU A 320 12.36 -11.94 -10.46
N PRO A 321 11.57 -11.23 -9.68
CA PRO A 321 10.24 -11.73 -9.31
C PRO A 321 9.38 -11.86 -10.56
N VAL A 322 9.55 -10.94 -11.50
CA VAL A 322 8.83 -10.96 -12.75
C VAL A 322 9.20 -12.19 -13.59
N GLU A 323 10.49 -12.52 -13.61
CA GLU A 323 10.95 -13.69 -14.35
C GLU A 323 10.38 -14.97 -13.76
N LYS A 324 10.36 -15.02 -12.43
CA LYS A 324 9.85 -16.19 -11.73
C LYS A 324 8.38 -16.39 -12.01
N ALA A 325 7.63 -15.30 -12.05
CA ALA A 325 6.20 -15.35 -12.31
C ALA A 325 5.93 -15.91 -13.70
N LEU A 326 6.73 -15.50 -14.67
CA LEU A 326 6.59 -15.96 -16.03
C LEU A 326 6.82 -17.47 -16.13
N ARG A 327 7.79 -17.96 -15.39
CA ARG A 327 8.13 -19.40 -15.36
C ARG A 327 6.98 -20.19 -14.73
N ASP A 328 6.55 -19.79 -13.51
CA ASP A 328 5.45 -20.43 -12.78
C ASP A 328 4.16 -20.46 -13.59
N ALA A 329 3.86 -19.37 -14.33
CA ALA A 329 2.66 -19.29 -15.19
C ALA A 329 2.86 -19.99 -16.54
N LYS A 330 4.14 -20.39 -16.84
CA LYS A 330 4.56 -21.08 -18.08
C LYS A 330 4.30 -20.19 -19.30
N LEU A 331 4.82 -18.96 -19.25
CA LEU A 331 4.64 -17.97 -20.31
C LEU A 331 5.92 -17.26 -20.67
N ASP A 332 6.05 -16.88 -21.95
CA ASP A 332 7.17 -16.09 -22.44
C ASP A 332 6.80 -14.60 -22.28
N LYS A 333 7.79 -13.69 -22.34
CA LYS A 333 7.62 -12.23 -22.22
C LYS A 333 6.56 -11.71 -23.22
N ALA A 334 6.61 -12.24 -24.46
CA ALA A 334 5.75 -11.93 -25.62
C ALA A 334 4.27 -12.37 -25.48
N GLN A 335 4.02 -13.26 -24.53
CA GLN A 335 2.69 -13.78 -24.26
C GLN A 335 1.88 -12.96 -23.27
N ILE A 336 2.44 -11.87 -22.74
CA ILE A 336 1.70 -11.05 -21.80
C ILE A 336 1.06 -9.89 -22.55
N HIS A 337 -0.26 -9.90 -22.61
CA HIS A 337 -1.01 -8.86 -23.31
C HIS A 337 -0.93 -7.47 -22.68
N ASP A 338 -1.04 -7.40 -21.36
CA ASP A 338 -1.03 -6.13 -20.65
C ASP A 338 -0.11 -6.07 -19.43
N LEU A 339 0.48 -4.90 -19.23
CA LEU A 339 1.35 -4.65 -18.08
C LEU A 339 0.69 -3.56 -17.26
N VAL A 340 0.33 -3.87 -16.01
CA VAL A 340 -0.36 -2.91 -15.14
C VAL A 340 0.53 -2.50 -13.99
N LEU A 341 0.67 -1.19 -13.76
CA LEU A 341 1.45 -0.64 -12.67
C LEU A 341 0.53 -0.28 -11.52
N VAL A 342 0.94 -0.70 -10.33
CA VAL A 342 0.24 -0.46 -9.08
C VAL A 342 1.26 -0.10 -8.01
N GLY A 343 0.88 0.82 -7.12
CA GLY A 343 1.76 1.31 -6.07
C GLY A 343 2.52 2.53 -6.53
N GLY A 344 2.57 3.56 -5.67
CA GLY A 344 3.24 4.82 -5.95
C GLY A 344 4.66 4.71 -6.47
N SER A 345 5.46 3.74 -5.91
CA SER A 345 6.85 3.48 -6.33
C SER A 345 6.98 3.19 -7.82
N THR A 346 5.86 2.82 -8.52
CA THR A 346 5.90 2.57 -9.95
C THR A 346 5.97 3.87 -10.72
N ARG A 347 5.87 4.99 -10.03
CA ARG A 347 6.00 6.27 -10.69
C ARG A 347 7.47 6.58 -11.03
N ILE A 348 8.40 5.83 -10.43
CA ILE A 348 9.85 6.04 -10.64
C ILE A 348 10.24 5.71 -12.10
N PRO A 349 10.73 6.72 -12.85
CA PRO A 349 11.06 6.49 -14.26
C PRO A 349 12.04 5.35 -14.53
N LYS A 350 13.06 5.14 -13.67
CA LYS A 350 13.99 4.02 -13.85
C LYS A 350 13.26 2.70 -13.78
N VAL A 351 12.34 2.55 -12.78
CA VAL A 351 11.51 1.36 -12.59
C VAL A 351 10.64 1.09 -13.84
N GLN A 352 9.94 2.13 -14.33
CA GLN A 352 9.15 2.01 -15.57
C GLN A 352 10.05 1.63 -16.76
N LYS A 353 11.21 2.25 -16.87
CA LYS A 353 12.14 1.94 -17.95
C LYS A 353 12.65 0.52 -17.88
N LEU A 354 12.97 0.05 -16.68
CA LEU A 354 13.45 -1.32 -16.51
C LEU A 354 12.41 -2.35 -16.90
N LEU A 355 11.17 -2.12 -16.49
CA LEU A 355 10.08 -3.01 -16.83
C LEU A 355 9.80 -2.97 -18.33
N GLN A 356 9.83 -1.77 -18.87
CA GLN A 356 9.58 -1.56 -20.29
C GLN A 356 10.64 -2.25 -21.15
N ASP A 357 11.90 -2.15 -20.74
CA ASP A 357 13.01 -2.78 -21.45
C ASP A 357 12.89 -4.29 -21.42
N PHE A 358 12.46 -4.82 -20.29
CA PHE A 358 12.30 -6.25 -20.11
C PHE A 358 11.27 -6.78 -21.10
N PHE A 359 10.18 -6.05 -21.28
CA PHE A 359 9.13 -6.43 -22.21
C PHE A 359 9.30 -5.77 -23.59
N ASN A 360 10.56 -5.55 -23.98
CA ASN A 360 11.00 -5.04 -25.29
C ASN A 360 10.24 -3.79 -25.82
N GLY A 361 10.04 -2.80 -24.95
CA GLY A 361 9.42 -1.53 -25.29
C GLY A 361 7.92 -1.41 -25.13
N ARG A 362 7.24 -2.53 -24.75
CA ARG A 362 5.79 -2.58 -24.54
C ARG A 362 5.33 -1.45 -23.65
N ASP A 363 4.24 -0.79 -24.06
CA ASP A 363 3.66 0.31 -23.31
C ASP A 363 3.09 -0.24 -22.02
N LEU A 364 3.10 0.57 -20.97
CA LEU A 364 2.58 0.14 -19.68
C LEU A 364 1.29 0.86 -19.34
N ASN A 365 0.40 0.18 -18.62
CA ASN A 365 -0.85 0.81 -18.22
C ASN A 365 -0.53 1.57 -16.95
N LYS A 366 -0.53 2.88 -17.07
CA LYS A 366 -0.18 3.79 -15.96
C LYS A 366 -1.03 5.06 -15.91
N SER A 367 -2.09 5.11 -16.72
CA SER A 367 -2.97 6.28 -16.77
C SER A 367 -3.68 6.55 -15.45
N ILE A 368 -4.18 5.49 -14.83
CA ILE A 368 -4.85 5.60 -13.55
C ILE A 368 -3.74 5.72 -12.52
N ASN A 369 -3.96 6.45 -11.44
CA ASN A 369 -2.90 6.55 -10.45
C ASN A 369 -2.59 5.17 -9.92
N PRO A 370 -1.31 4.83 -9.82
CA PRO A 370 -0.92 3.51 -9.34
C PRO A 370 -1.40 3.28 -7.92
N ASP A 371 -1.36 4.32 -7.11
CA ASP A 371 -1.80 4.30 -5.73
C ASP A 371 -3.29 4.01 -5.62
N GLU A 372 -4.04 4.51 -6.58
CA GLU A 372 -5.48 4.35 -6.61
C GLU A 372 -6.10 3.32 -7.58
N ALA A 373 -5.28 2.59 -8.33
CA ALA A 373 -5.84 1.62 -9.31
C ALA A 373 -6.71 0.53 -8.70
N VAL A 374 -6.24 -0.03 -7.59
CA VAL A 374 -6.93 -1.06 -6.81
C VAL A 374 -8.26 -0.56 -6.25
N ALA A 375 -8.26 0.68 -5.64
CA ALA A 375 -9.47 1.26 -5.06
C ALA A 375 -10.49 1.57 -6.18
N TYR A 376 -9.96 1.98 -7.37
CA TYR A 376 -10.70 2.28 -8.59
C TYR A 376 -11.46 1.01 -9.04
N GLY A 377 -10.72 -0.08 -9.22
CA GLY A 377 -11.26 -1.38 -9.63
C GLY A 377 -12.23 -1.94 -8.62
N ALA A 378 -11.94 -1.74 -7.30
CA ALA A 378 -12.80 -2.16 -6.21
C ALA A 378 -14.10 -1.38 -6.20
N ALA A 379 -14.03 -0.07 -6.48
CA ALA A 379 -15.21 0.80 -6.58
C ALA A 379 -16.06 0.38 -7.78
N VAL A 380 -15.41 -0.02 -8.90
CA VAL A 380 -16.14 -0.51 -10.08
C VAL A 380 -16.92 -1.81 -9.69
N GLN A 381 -16.24 -2.76 -9.08
CA GLN A 381 -16.85 -4.01 -8.66
C GLN A 381 -17.97 -3.82 -7.63
N ALA A 382 -17.77 -2.90 -6.70
CA ALA A 382 -18.78 -2.65 -5.69
C ALA A 382 -20.07 -2.18 -6.34
N ALA A 383 -19.96 -1.29 -7.32
CA ALA A 383 -21.12 -0.79 -8.02
C ALA A 383 -21.82 -1.91 -8.77
N ILE A 384 -21.04 -2.76 -9.42
CA ILE A 384 -21.60 -3.86 -10.18
C ILE A 384 -22.35 -4.85 -9.27
N LEU A 385 -21.75 -5.19 -8.14
CA LEU A 385 -22.37 -6.10 -7.20
C LEU A 385 -23.61 -5.54 -6.50
N ILE A 386 -23.53 -4.28 -6.09
CA ILE A 386 -24.65 -3.65 -5.41
C ILE A 386 -25.85 -3.61 -6.36
N LYS A 387 -25.57 -3.30 -7.62
CA LYS A 387 -26.61 -3.26 -8.63
C LYS A 387 -27.19 -4.65 -8.81
N SER A 388 -26.32 -5.66 -8.84
CA SER A 388 -26.76 -7.04 -8.98
C SER A 388 -27.58 -7.53 -7.81
N THR A 389 -27.15 -7.20 -6.59
CA THR A 389 -27.88 -7.61 -5.40
C THR A 389 -29.26 -6.96 -5.37
N ARG A 390 -29.29 -5.67 -5.72
CA ARG A 390 -30.54 -4.92 -5.77
C ARG A 390 -31.49 -5.38 -6.86
N ALA A 391 -30.93 -5.65 -8.05
CA ALA A 391 -31.71 -6.10 -9.22
C ALA A 391 -32.34 -7.47 -8.97
N ALA A 392 -31.66 -8.31 -8.14
CA ALA A 392 -32.15 -9.62 -7.73
C ALA A 392 -33.40 -9.43 -6.85
N ALA A 393 -33.43 -8.33 -6.04
CA ALA A 393 -34.54 -7.95 -5.15
C ALA A 393 -35.75 -7.40 -5.93
N SER A 394 -35.54 -6.33 -6.74
CA SER A 394 -36.57 -5.68 -7.58
C SER A 394 -35.94 -4.78 -8.63
O2 KC7 B . 6.79 7.28 -0.83
C1 KC7 B . 5.66 6.49 -1.14
C2 KC7 B . 5.66 5.14 -0.42
O1 KC7 B . 6.94 4.54 -0.38
C3 KC7 B . 4.65 4.28 -1.20
C5 KC7 B . 3.28 4.22 -0.57
O KC7 B . 3.34 3.61 0.71
C4 KC7 B . 4.65 4.88 -2.61
C KC7 B . 5.61 6.08 -2.62
N KC7 B . 5.17 7.15 -3.47
C6 KC7 B . 5.89 7.60 -4.52
N2 KC7 B . 7.08 7.02 -4.78
C13 KC7 B . 7.78 7.54 -5.84
N1 KC7 B . 7.44 8.52 -6.64
C12 KC7 B . 6.22 9.10 -6.37
C7 KC7 B . 5.39 8.67 -5.32
C11 KC7 B . 5.82 10.17 -7.19
C10 KC7 B . 4.65 10.80 -6.96
C9 KC7 B . 3.80 10.40 -5.91
C8 KC7 B . 4.17 9.35 -5.12
O3 KC7 B . 3.38 8.85 -4.12
C14 KC7 B . 2.48 9.72 -3.47
C15 KC7 B . 1.91 8.91 -2.35
C20 KC7 B . 2.29 9.15 -1.04
C19 KC7 B . 1.76 8.38 -0.01
C18 KC7 B . 0.86 7.38 -0.28
C17 KC7 B . 0.47 7.13 -1.59
C16 KC7 B . 0.98 7.89 -2.62
S DMS C . 1.47 -10.11 3.97
O DMS C . 1.97 -10.42 5.35
C1 DMS C . 2.97 -10.15 3.05
C2 DMS C . 1.16 -8.37 3.89
S DMS D . -14.79 -10.08 -9.55
O DMS D . -15.36 -10.66 -8.34
C1 DMS D . -15.96 -10.48 -10.82
C2 DMS D . -13.52 -11.19 -10.03
CL CL E . -12.63 13.66 -3.11
#